data_5WHW
#
_entry.id   5WHW
#
_cell.length_a   67.719
_cell.length_b   67.719
_cell.length_c   107.323
_cell.angle_alpha   90.00
_cell.angle_beta   90.00
_cell.angle_gamma   90.00
#
_symmetry.space_group_name_H-M   'P 43 21 2'
#
loop_
_entity.id
_entity.type
_entity.pdbx_description
1 polymer 'Proteinase K'
2 non-polymer 'CALCIUM ION'
3 non-polymer 'NITRATE ION'
4 non-polymer 1,2-ETHANEDIOL
5 non-polymer BICINE
6 water water
#
_entity_poly.entity_id   1
_entity_poly.type   'polypeptide(L)'
_entity_poly.pdbx_seq_one_letter_code
;AAQTNAPWGLARISSTSPGTSTYYYDESAGQGSCVYVIDTGIEASHPEFEGRAQMVKTYYYSSRDGNGHGTHCAGTVGSR
TYGVAKKTQLFGVKVLDDNGSGQYSTIIAGMDFVASDKNNRNCPKGVVASLSLGGGYSSSVNSAAARLQSSGVMVAVAAG
NNNADARNYSPASEPSVCTVGASDRYDRRSSFSNYGSVLDIFGPGTDILSTWIGGSTRSISGTSMATPHVAGLAAYLMTL
GKTTAASACRYIADTANKGDLSNIPFGTVNLLAYNNYQA
;
_entity_poly.pdbx_strand_id   A
#
# COMPACT_ATOMS: atom_id res chain seq x y z
N ALA A 1 -2.98 -8.43 19.82
CA ALA A 1 -4.31 -7.76 19.59
C ALA A 1 -5.22 -8.50 18.64
N ALA A 2 -6.52 -8.23 18.75
CA ALA A 2 -7.53 -8.90 17.93
C ALA A 2 -8.69 -7.93 17.68
N GLN A 3 -8.84 -7.55 16.42
CA GLN A 3 -10.00 -6.68 16.04
C GLN A 3 -11.12 -7.54 15.50
N THR A 4 -12.28 -7.64 16.21
CA THR A 4 -13.27 -8.56 15.74
C THR A 4 -14.10 -7.83 14.63
N ASN A 5 -14.77 -8.59 13.76
CA ASN A 5 -15.63 -8.12 12.70
C ASN A 5 -14.86 -7.03 11.91
N ALA A 6 -13.57 -7.35 11.64
CA ALA A 6 -12.72 -6.50 10.83
C ALA A 6 -13.12 -6.59 9.36
N PRO A 7 -12.74 -5.55 8.55
CA PRO A 7 -12.80 -5.68 7.09
C PRO A 7 -12.13 -7.03 6.67
N TRP A 8 -12.69 -7.72 5.68
CA TRP A 8 -12.25 -9.08 5.32
C TRP A 8 -10.73 -9.11 4.97
N GLY A 9 -10.24 -8.04 4.37
CA GLY A 9 -8.79 -8.01 4.00
C GLY A 9 -7.87 -8.02 5.20
N LEU A 10 -8.23 -7.28 6.27
CA LEU A 10 -7.48 -7.28 7.51
C LEU A 10 -7.50 -8.69 8.13
N ALA A 11 -8.70 -9.27 8.17
CA ALA A 11 -8.72 -10.65 8.65
C ALA A 11 -7.83 -11.59 7.79
N ARG A 12 -7.90 -11.48 6.45
CA ARG A 12 -7.21 -12.32 5.55
C ARG A 12 -5.68 -12.26 5.75
N ILE A 13 -5.12 -11.07 5.95
CA ILE A 13 -3.66 -10.95 6.10
C ILE A 13 -3.13 -11.50 7.41
N SER A 14 -4.05 -11.86 8.33
CA SER A 14 -3.63 -12.48 9.62
C SER A 14 -4.12 -13.88 9.76
N SER A 15 -4.51 -14.51 8.66
CA SER A 15 -4.93 -15.92 8.60
C SER A 15 -4.26 -16.78 7.52
N THR A 16 -4.12 -18.11 7.75
CA THR A 16 -3.69 -18.94 6.73
C THR A 16 -4.82 -19.40 5.84
N SER A 17 -6.06 -18.99 6.17
CA SER A 17 -7.27 -19.48 5.48
C SER A 17 -8.23 -18.30 5.21
N PRO A 18 -8.97 -18.36 4.08
CA PRO A 18 -9.97 -17.34 3.85
C PRO A 18 -11.18 -17.54 4.72
N GLY A 19 -12.01 -16.52 4.81
CA GLY A 19 -13.30 -16.64 5.50
C GLY A 19 -13.36 -16.36 6.99
N THR A 20 -12.29 -15.87 7.56
CA THR A 20 -12.25 -15.47 8.95
C THR A 20 -12.69 -14.02 9.11
N SER A 21 -12.96 -13.60 10.30
CA SER A 21 -13.52 -12.24 10.53
C SER A 21 -12.72 -11.43 11.53
N THR A 22 -11.67 -11.99 12.20
CA THR A 22 -10.90 -11.29 13.14
C THR A 22 -9.49 -10.97 12.61
N TYR A 23 -9.06 -9.70 12.78
CA TYR A 23 -7.68 -9.27 12.47
C TYR A 23 -6.83 -9.41 13.69
N TYR A 24 -5.92 -10.41 13.63
CA TYR A 24 -4.95 -10.61 14.74
C TYR A 24 -3.65 -9.97 14.38
N TYR A 25 -3.17 -9.13 15.26
CA TYR A 25 -1.92 -8.36 15.00
C TYR A 25 -1.23 -8.01 16.30
N ASP A 26 0.11 -7.87 16.24
CA ASP A 26 0.85 -7.31 17.34
C ASP A 26 0.52 -5.87 17.67
N GLU A 27 0.33 -5.58 18.97
CA GLU A 27 -0.06 -4.24 19.43
CA GLU A 27 0.01 -4.23 19.50
C GLU A 27 0.90 -3.10 19.11
N SER A 28 2.17 -3.39 18.77
CA SER A 28 3.10 -2.38 18.37
C SER A 28 2.54 -1.62 17.12
N ALA A 29 1.80 -2.39 16.32
CA ALA A 29 0.94 -1.79 15.21
C ALA A 29 1.65 -0.77 14.31
N GLY A 30 2.93 -0.89 14.03
CA GLY A 30 3.62 0.08 13.20
C GLY A 30 4.05 1.35 13.81
N GLN A 31 3.97 1.44 15.18
CA GLN A 31 4.42 2.63 15.84
C GLN A 31 5.94 2.83 15.52
N GLY A 32 6.32 4.05 15.30
CA GLY A 32 7.65 4.37 15.01
C GLY A 32 8.04 4.28 13.52
N SER A 33 7.17 3.72 12.68
CA SER A 33 7.41 3.72 11.20
C SER A 33 6.69 4.96 10.60
N CYS A 34 6.99 5.24 9.32
CA CYS A 34 6.35 6.25 8.56
C CYS A 34 5.95 5.78 7.17
N VAL A 35 4.71 6.06 6.72
CA VAL A 35 4.30 5.66 5.39
C VAL A 35 3.82 6.89 4.64
N TYR A 36 4.43 7.14 3.49
CA TYR A 36 4.02 8.20 2.57
C TYR A 36 3.00 7.63 1.61
N VAL A 37 1.83 8.29 1.50
CA VAL A 37 0.75 7.86 0.58
C VAL A 37 0.73 8.85 -0.55
N ILE A 38 1.28 8.42 -1.72
CA ILE A 38 1.55 9.33 -2.85
C ILE A 38 0.32 9.18 -3.77
N ASP A 39 -0.60 10.11 -3.73
CA ASP A 39 -1.96 9.90 -4.24
C ASP A 39 -2.70 11.25 -4.41
N THR A 40 -4.00 11.25 -4.20
CA THR A 40 -4.86 12.44 -4.33
C THR A 40 -4.87 13.32 -3.07
N GLY A 41 -4.04 12.94 -2.08
CA GLY A 41 -4.02 13.53 -0.77
C GLY A 41 -4.63 12.66 0.30
N ILE A 42 -4.73 13.18 1.49
CA ILE A 42 -5.31 12.53 2.69
C ILE A 42 -6.11 13.60 3.46
N GLU A 43 -7.33 13.25 3.79
CA GLU A 43 -8.17 14.07 4.69
C GLU A 43 -7.68 13.78 6.11
N ALA A 44 -6.62 14.49 6.49
CA ALA A 44 -5.96 14.24 7.78
C ALA A 44 -6.84 14.50 9.00
N SER A 45 -7.91 15.30 8.81
CA SER A 45 -8.80 15.56 9.90
C SER A 45 -9.73 14.43 10.17
N HIS A 46 -9.75 13.38 9.31
CA HIS A 46 -10.70 12.31 9.54
C HIS A 46 -10.44 11.72 10.94
N PRO A 47 -11.48 11.54 11.78
CA PRO A 47 -11.31 10.94 13.12
C PRO A 47 -10.52 9.64 13.13
N GLU A 48 -10.68 8.84 12.08
CA GLU A 48 -10.02 7.53 12.00
C GLU A 48 -8.47 7.63 11.96
N PHE A 49 -7.93 8.79 11.68
CA PHE A 49 -6.45 8.94 11.61
C PHE A 49 -5.89 9.38 12.95
N GLU A 50 -6.75 9.85 13.85
CA GLU A 50 -6.35 10.11 15.24
C GLU A 50 -5.18 11.08 15.40
N GLY A 51 -5.02 11.99 14.49
CA GLY A 51 -3.93 12.94 14.52
C GLY A 51 -2.63 12.37 13.95
N ARG A 52 -2.61 11.16 13.44
CA ARG A 52 -1.38 10.52 12.93
C ARG A 52 -1.14 10.73 11.48
N ALA A 53 -2.01 11.49 10.82
CA ALA A 53 -1.81 11.80 9.38
C ALA A 53 -1.52 13.25 9.15
N GLN A 54 -0.68 13.57 8.16
CA GLN A 54 -0.53 14.96 7.81
C GLN A 54 -0.17 15.08 6.39
N MET A 55 -0.62 16.15 5.74
CA MET A 55 -0.11 16.46 4.41
C MET A 55 1.24 17.11 4.48
N VAL A 56 2.16 16.69 3.61
CA VAL A 56 3.52 17.24 3.56
C VAL A 56 3.88 17.92 2.24
N LYS A 57 3.11 17.66 1.16
CA LYS A 57 3.40 18.28 -0.13
C LYS A 57 2.16 18.14 -1.00
N THR A 58 1.90 19.17 -1.75
CA THR A 58 0.96 19.08 -2.85
C THR A 58 1.52 19.65 -4.13
N TYR A 59 1.12 19.08 -5.27
CA TYR A 59 1.46 19.62 -6.61
C TYR A 59 0.33 20.39 -7.24
N TYR A 60 -0.76 20.58 -6.46
CA TYR A 60 -1.98 21.26 -6.96
C TYR A 60 -2.26 22.50 -6.14
N TYR A 61 -3.37 23.14 -6.41
CA TYR A 61 -3.76 24.40 -5.76
C TYR A 61 -4.03 24.29 -4.28
N SER A 62 -4.47 23.11 -3.84
CA SER A 62 -4.74 22.84 -2.45
C SER A 62 -4.11 21.47 -2.10
N SER A 63 -3.87 21.32 -0.82
CA SER A 63 -3.47 20.03 -0.26
CA SER A 63 -3.51 20.05 -0.22
C SER A 63 -4.66 19.07 0.04
N ARG A 64 -5.90 19.55 -0.09
CA ARG A 64 -7.09 18.76 0.23
C ARG A 64 -7.28 17.59 -0.76
N ASP A 65 -7.63 16.42 -0.24
CA ASP A 65 -8.15 15.33 -1.04
C ASP A 65 -9.60 15.66 -1.45
N GLY A 66 -9.80 16.08 -2.68
CA GLY A 66 -11.14 16.36 -3.24
C GLY A 66 -11.71 15.16 -3.96
N ASN A 67 -10.96 14.04 -3.93
CA ASN A 67 -11.38 12.80 -4.59
C ASN A 67 -11.86 11.75 -3.63
N GLY A 68 -11.03 11.32 -2.67
CA GLY A 68 -11.33 10.26 -1.78
C GLY A 68 -10.28 9.16 -1.87
N HIS A 69 -9.80 8.92 -3.07
CA HIS A 69 -8.96 7.72 -3.38
C HIS A 69 -7.72 7.68 -2.42
N GLY A 70 -7.01 8.84 -2.26
CA GLY A 70 -5.82 8.83 -1.39
C GLY A 70 -6.22 8.61 0.09
N THR A 71 -7.33 9.17 0.51
CA THR A 71 -7.85 8.95 1.83
C THR A 71 -8.18 7.47 2.13
N HIS A 72 -8.77 6.80 1.17
CA HIS A 72 -9.10 5.43 1.23
C HIS A 72 -7.81 4.59 1.41
N CYS A 73 -6.91 4.78 0.48
CA CYS A 73 -5.61 4.09 0.52
C CYS A 73 -4.94 4.35 1.87
N ALA A 74 -4.84 5.60 2.30
CA ALA A 74 -4.24 5.93 3.62
C ALA A 74 -4.98 5.22 4.73
N GLY A 75 -6.32 5.15 4.68
CA GLY A 75 -7.06 4.38 5.67
C GLY A 75 -6.63 2.91 5.75
N THR A 76 -6.35 2.27 4.62
CA THR A 76 -6.02 0.86 4.63
C THR A 76 -4.58 0.71 5.17
N VAL A 77 -3.73 1.67 4.93
CA VAL A 77 -2.39 1.67 5.53
C VAL A 77 -2.52 1.70 7.11
N GLY A 78 -3.22 2.71 7.65
CA GLY A 78 -2.96 3.15 9.01
C GLY A 78 -4.16 3.75 9.71
N SER A 79 -5.39 3.67 9.20
CA SER A 79 -6.51 4.21 10.07
C SER A 79 -6.70 3.24 11.22
N ARG A 80 -7.42 3.75 12.25
CA ARG A 80 -7.71 2.89 13.42
C ARG A 80 -8.51 1.64 13.08
N THR A 81 -9.68 1.79 12.45
CA THR A 81 -10.54 0.69 12.17
C THR A 81 -10.23 -0.08 10.89
N TYR A 82 -9.69 0.63 9.89
CA TYR A 82 -9.54 0.06 8.53
C TYR A 82 -8.11 -0.26 8.19
N GLY A 83 -7.15 0.08 9.07
CA GLY A 83 -5.75 0.00 8.73
C GLY A 83 -4.99 -1.22 9.20
N VAL A 84 -3.95 -1.56 8.41
CA VAL A 84 -3.05 -2.68 8.76
C VAL A 84 -2.13 -2.27 9.98
N ALA A 85 -1.57 -1.11 9.91
CA ALA A 85 -0.59 -0.55 10.82
C ALA A 85 -1.18 0.62 11.53
N LYS A 86 -1.88 0.25 12.61
CA LYS A 86 -2.82 1.18 13.19
C LYS A 86 -2.14 2.27 14.07
N LYS A 87 -0.82 2.22 14.26
CA LYS A 87 -0.15 3.29 14.96
C LYS A 87 0.99 3.89 14.15
N THR A 88 1.02 3.69 12.83
CA THR A 88 2.05 4.35 12.01
C THR A 88 1.78 5.82 11.86
N GLN A 89 2.80 6.61 11.47
N GLN A 89 2.77 6.52 11.27
CA GLN A 89 2.59 8.00 11.04
CA GLN A 89 2.68 7.94 10.94
C GLN A 89 2.35 7.88 9.53
C GLN A 89 2.54 8.10 9.40
N LEU A 90 1.38 8.70 9.06
CA LEU A 90 1.03 8.87 7.64
C LEU A 90 1.41 10.26 7.12
N PHE A 91 2.00 10.28 5.94
CA PHE A 91 2.38 11.48 5.24
C PHE A 91 1.73 11.51 3.85
N GLY A 92 1.05 12.60 3.56
CA GLY A 92 0.30 12.74 2.28
C GLY A 92 1.14 13.51 1.30
N VAL A 93 1.29 13.00 0.08
CA VAL A 93 1.89 13.71 -1.05
C VAL A 93 0.86 13.68 -2.20
N LYS A 94 0.37 14.86 -2.56
CA LYS A 94 -0.73 14.93 -3.57
C LYS A 94 -0.12 15.13 -4.96
N VAL A 95 0.01 14.05 -5.68
CA VAL A 95 0.56 14.10 -7.07
C VAL A 95 -0.59 13.82 -8.06
N LEU A 96 -1.75 13.45 -7.54
CA LEU A 96 -2.92 13.22 -8.42
C LEU A 96 -3.94 14.34 -8.13
N ASP A 97 -4.66 14.76 -9.19
CA ASP A 97 -5.69 15.75 -9.05
C ASP A 97 -6.98 15.18 -8.47
N ASP A 98 -8.00 16.02 -8.37
CA ASP A 98 -9.20 15.63 -7.68
C ASP A 98 -10.11 14.69 -8.53
N ASN A 99 -9.76 14.44 -9.75
CA ASN A 99 -10.37 13.39 -10.58
C ASN A 99 -9.60 12.06 -10.53
N GLY A 100 -8.48 12.04 -9.81
CA GLY A 100 -7.61 10.90 -9.69
C GLY A 100 -6.52 10.80 -10.74
N SER A 101 -6.33 11.84 -11.54
CA SER A 101 -5.40 11.83 -12.65
C SER A 101 -4.11 12.51 -12.33
N GLY A 102 -3.04 12.20 -13.00
CA GLY A 102 -1.83 13.00 -12.84
C GLY A 102 -0.83 12.79 -13.96
N GLN A 103 0.04 13.71 -14.19
CA GLN A 103 1.03 13.60 -15.23
C GLN A 103 2.23 12.91 -14.64
N TYR A 104 2.91 12.17 -15.48
CA TYR A 104 4.07 11.45 -15.02
C TYR A 104 5.17 12.40 -14.49
N SER A 105 5.31 13.59 -15.06
CA SER A 105 6.32 14.48 -14.52
C SER A 105 6.06 14.80 -13.04
N THR A 106 4.79 15.01 -12.71
CA THR A 106 4.40 15.28 -11.32
C THR A 106 4.64 14.10 -10.39
N ILE A 107 4.27 12.92 -10.88
CA ILE A 107 4.41 11.68 -10.15
C ILE A 107 5.89 11.40 -9.84
N ILE A 108 6.75 11.59 -10.80
CA ILE A 108 8.18 11.53 -10.65
C ILE A 108 8.70 12.53 -9.59
N ALA A 109 8.25 13.76 -9.69
CA ALA A 109 8.69 14.79 -8.72
C ALA A 109 8.31 14.40 -7.30
N GLY A 110 7.12 13.84 -7.16
CA GLY A 110 6.60 13.38 -5.87
C GLY A 110 7.45 12.27 -5.30
N MET A 111 7.88 11.34 -6.15
CA MET A 111 8.77 10.28 -5.65
C MET A 111 10.14 10.84 -5.19
N ASP A 112 10.73 11.74 -6.00
CA ASP A 112 12.01 12.33 -5.60
CA ASP A 112 11.98 12.46 -5.70
C ASP A 112 11.84 13.19 -4.36
N PHE A 113 10.67 13.85 -4.22
CA PHE A 113 10.36 14.57 -3.01
C PHE A 113 10.43 13.67 -1.75
N VAL A 114 9.80 12.49 -1.79
CA VAL A 114 9.75 11.59 -0.61
C VAL A 114 11.19 11.17 -0.29
N ALA A 115 11.95 10.84 -1.34
CA ALA A 115 13.35 10.36 -1.07
C ALA A 115 14.15 11.36 -0.25
N SER A 116 13.93 12.65 -0.50
CA SER A 116 14.65 13.69 0.22
C SER A 116 13.94 14.00 1.58
N ASP A 117 12.61 14.23 1.51
CA ASP A 117 11.84 14.65 2.67
C ASP A 117 11.92 13.68 3.84
N LYS A 118 12.12 12.38 3.56
CA LYS A 118 12.21 11.40 4.68
C LYS A 118 13.42 11.65 5.56
N ASN A 119 14.45 12.29 5.00
CA ASN A 119 15.66 12.53 5.74
C ASN A 119 15.42 13.61 6.75
N ASN A 120 14.28 14.31 6.71
N ASN A 120 14.31 14.35 6.61
CA ASN A 120 13.95 15.37 7.68
CA ASN A 120 13.84 15.42 7.51
C ASN A 120 12.75 14.99 8.59
C ASN A 120 12.88 14.96 8.65
N ARG A 121 12.52 13.67 8.71
CA ARG A 121 11.41 13.18 9.53
C ARG A 121 12.00 12.15 10.45
N ASN A 122 11.38 12.08 11.62
N ASN A 122 11.43 12.10 11.66
CA ASN A 122 11.78 11.10 12.60
CA ASN A 122 11.77 11.09 12.66
C ASN A 122 10.95 9.83 12.47
C ASN A 122 10.94 9.83 12.45
N CYS A 123 11.55 8.81 11.83
CA CYS A 123 10.92 7.55 11.48
C CYS A 123 11.85 6.43 11.95
N PRO A 124 11.94 6.26 13.27
CA PRO A 124 13.04 5.35 13.77
C PRO A 124 12.92 3.89 13.31
N LYS A 125 11.76 3.40 12.99
CA LYS A 125 11.55 2.01 12.55
C LYS A 125 11.56 1.91 11.00
N GLY A 126 11.70 3.03 10.29
CA GLY A 126 11.86 2.99 8.83
C GLY A 126 10.68 3.63 8.08
N VAL A 127 10.82 3.67 6.76
CA VAL A 127 9.98 4.47 5.88
C VAL A 127 9.52 3.59 4.72
N VAL A 128 8.24 3.77 4.40
CA VAL A 128 7.51 3.06 3.38
C VAL A 128 6.83 4.11 2.47
N ALA A 129 6.66 3.82 1.18
CA ALA A 129 5.85 4.65 0.30
C ALA A 129 4.90 3.74 -0.41
N SER A 130 3.61 4.16 -0.46
CA SER A 130 2.51 3.47 -1.12
C SER A 130 2.04 4.24 -2.33
N LEU A 131 2.21 3.62 -3.54
CA LEU A 131 1.90 4.26 -4.84
CA LEU A 131 1.91 4.24 -4.84
C LEU A 131 0.78 3.49 -5.53
N SER A 132 -0.45 3.94 -5.24
CA SER A 132 -1.67 3.30 -5.87
C SER A 132 -2.01 4.09 -7.12
N LEU A 133 -1.13 4.00 -8.12
CA LEU A 133 -1.25 4.80 -9.29
C LEU A 133 -0.35 4.17 -10.41
N GLY A 134 -0.50 4.75 -11.59
CA GLY A 134 0.34 4.35 -12.73
C GLY A 134 -0.36 4.45 -14.05
N GLY A 135 0.38 4.14 -15.11
CA GLY A 135 -0.18 4.16 -16.47
C GLY A 135 0.74 3.29 -17.31
N GLY A 136 0.88 3.65 -18.57
CA GLY A 136 1.64 2.75 -19.51
C GLY A 136 3.13 2.85 -19.24
N TYR A 137 3.87 1.92 -19.82
CA TYR A 137 5.29 1.81 -19.54
C TYR A 137 6.02 3.15 -19.77
N SER A 138 6.84 3.51 -18.76
CA SER A 138 7.78 4.67 -18.85
C SER A 138 9.06 4.36 -18.14
N SER A 139 10.19 4.41 -18.83
CA SER A 139 11.43 4.09 -18.22
C SER A 139 11.75 5.21 -17.16
N SER A 140 11.28 6.44 -17.37
CA SER A 140 11.58 7.54 -16.43
CA SER A 140 11.58 7.54 -16.41
C SER A 140 10.81 7.33 -15.13
N VAL A 141 9.53 6.92 -15.23
CA VAL A 141 8.69 6.62 -14.06
C VAL A 141 9.31 5.42 -13.28
N ASN A 142 9.77 4.40 -14.01
CA ASN A 142 10.36 3.22 -13.34
C ASN A 142 11.65 3.63 -12.60
N SER A 143 12.41 4.53 -13.22
CA SER A 143 13.74 4.94 -12.72
CA SER A 143 13.73 4.88 -12.68
C SER A 143 13.48 5.72 -11.42
N ALA A 144 12.44 6.55 -11.43
CA ALA A 144 12.05 7.28 -10.25
C ALA A 144 11.69 6.37 -9.07
N ALA A 145 10.90 5.34 -9.34
CA ALA A 145 10.57 4.37 -8.30
C ALA A 145 11.82 3.64 -7.75
N ALA A 146 12.73 3.28 -8.63
CA ALA A 146 13.98 2.56 -8.31
C ALA A 146 14.80 3.48 -7.45
N ARG A 147 14.89 4.79 -7.81
CA ARG A 147 15.64 5.75 -6.97
C ARG A 147 15.02 5.87 -5.57
N LEU A 148 13.67 5.93 -5.51
CA LEU A 148 13.00 6.01 -4.22
C LEU A 148 13.32 4.79 -3.28
N GLN A 149 13.32 3.63 -3.88
CA GLN A 149 13.64 2.42 -3.19
C GLN A 149 15.10 2.46 -2.70
N SER A 150 16.01 2.77 -3.66
CA SER A 150 17.44 2.84 -3.44
C SER A 150 17.75 3.78 -2.26
N SER A 151 16.95 4.84 -2.08
CA SER A 151 17.20 5.89 -1.07
C SER A 151 16.97 5.41 0.36
N GLY A 152 16.31 4.25 0.48
CA GLY A 152 16.06 3.61 1.78
C GLY A 152 14.53 3.59 2.14
N VAL A 153 13.66 3.56 1.13
CA VAL A 153 12.18 3.56 1.29
C VAL A 153 11.67 2.30 0.77
N MET A 154 10.81 1.62 1.52
CA MET A 154 10.11 0.44 1.06
C MET A 154 9.02 0.88 0.07
N VAL A 155 9.25 0.67 -1.24
CA VAL A 155 8.25 1.16 -2.21
C VAL A 155 7.32 -0.01 -2.59
N ALA A 156 6.02 0.24 -2.42
CA ALA A 156 4.96 -0.68 -2.83
C ALA A 156 4.15 0.04 -3.90
N VAL A 157 3.90 -0.63 -4.99
CA VAL A 157 3.18 -0.07 -6.16
C VAL A 157 2.10 -1.00 -6.62
N ALA A 158 1.00 -0.40 -7.13
CA ALA A 158 -0.06 -1.19 -7.71
C ALA A 158 0.30 -1.87 -9.01
N ALA A 159 -0.16 -3.13 -9.18
CA ALA A 159 0.13 -3.84 -10.44
C ALA A 159 -0.65 -3.28 -11.66
N GLY A 160 -1.80 -2.62 -11.39
CA GLY A 160 -2.72 -2.07 -12.43
C GLY A 160 -3.96 -2.93 -12.58
N ASN A 161 -5.01 -2.33 -13.17
CA ASN A 161 -6.32 -2.99 -13.19
C ASN A 161 -6.79 -3.35 -14.57
N ASN A 162 -5.85 -3.78 -15.40
CA ASN A 162 -6.16 -4.08 -16.83
C ASN A 162 -6.29 -5.58 -17.20
N ASN A 163 -6.28 -6.44 -16.19
CA ASN A 163 -6.27 -7.93 -16.41
C ASN A 163 -5.25 -8.30 -17.50
N ALA A 164 -4.06 -7.69 -17.39
CA ALA A 164 -3.04 -7.88 -18.38
C ALA A 164 -1.65 -7.97 -17.66
N ASP A 165 -0.61 -8.29 -18.44
CA ASP A 165 0.68 -8.34 -17.90
C ASP A 165 1.21 -6.96 -17.52
N ALA A 166 1.50 -6.85 -16.23
CA ALA A 166 2.08 -5.67 -15.62
C ALA A 166 3.42 -5.20 -16.21
N ARG A 167 4.06 -6.00 -17.09
CA ARG A 167 5.26 -5.54 -17.82
C ARG A 167 5.03 -4.26 -18.60
N ASN A 168 3.76 -3.99 -18.98
CA ASN A 168 3.48 -2.87 -19.85
C ASN A 168 2.95 -1.66 -19.12
N TYR A 169 3.17 -1.64 -17.77
CA TYR A 169 2.65 -0.54 -16.95
C TYR A 169 3.75 0.00 -16.00
N SER A 170 3.66 1.25 -15.61
CA SER A 170 4.70 1.84 -14.76
C SER A 170 4.00 2.64 -13.64
N PRO A 171 4.56 2.62 -12.41
CA PRO A 171 5.79 1.93 -12.02
C PRO A 171 5.70 0.43 -11.70
N ALA A 172 4.58 -0.21 -12.02
CA ALA A 172 4.41 -1.71 -11.84
C ALA A 172 5.59 -2.49 -12.33
N SER A 173 6.08 -2.13 -13.53
CA SER A 173 7.08 -2.95 -14.21
C SER A 173 8.50 -2.71 -13.69
N GLU A 174 8.72 -1.80 -12.74
CA GLU A 174 10.06 -1.57 -12.18
C GLU A 174 10.45 -2.76 -11.29
N PRO A 175 11.48 -3.55 -11.63
CA PRO A 175 11.66 -4.82 -10.86
C PRO A 175 12.03 -4.57 -9.40
N SER A 176 12.73 -3.45 -9.09
CA SER A 176 13.32 -3.26 -7.77
C SER A 176 12.35 -2.84 -6.64
N VAL A 177 11.12 -2.58 -7.01
CA VAL A 177 10.07 -2.12 -5.99
C VAL A 177 9.17 -3.33 -5.70
N CYS A 178 8.13 -3.17 -4.88
CA CYS A 178 7.24 -4.30 -4.59
C CYS A 178 5.92 -4.08 -5.36
N THR A 179 5.71 -4.89 -6.42
CA THR A 179 4.52 -4.82 -7.28
C THR A 179 3.43 -5.75 -6.80
N VAL A 180 2.29 -5.13 -6.49
CA VAL A 180 1.15 -5.77 -5.72
C VAL A 180 -0.08 -6.01 -6.61
N GLY A 181 -0.49 -7.29 -6.75
CA GLY A 181 -1.73 -7.69 -7.38
C GLY A 181 -2.85 -7.74 -6.35
N ALA A 182 -4.05 -7.85 -6.85
CA ALA A 182 -5.26 -7.90 -6.01
C ALA A 182 -5.91 -9.27 -5.98
N SER A 183 -6.41 -9.62 -4.78
CA SER A 183 -7.28 -10.81 -4.62
C SER A 183 -8.65 -10.45 -4.03
N ASP A 184 -9.59 -11.40 -4.08
CA ASP A 184 -10.94 -11.19 -3.51
C ASP A 184 -11.09 -12.14 -2.27
N ARG A 185 -12.23 -12.01 -1.61
CA ARG A 185 -12.44 -12.67 -0.33
CA ARG A 185 -12.44 -12.67 -0.33
C ARG A 185 -12.53 -14.20 -0.45
N TYR A 186 -12.75 -14.69 -1.65
CA TYR A 186 -12.76 -16.16 -1.92
C TYR A 186 -11.40 -16.64 -2.43
N ASP A 187 -10.34 -15.85 -2.25
CA ASP A 187 -8.94 -16.19 -2.73
C ASP A 187 -8.82 -16.42 -4.22
N ARG A 188 -9.62 -15.72 -5.00
CA ARG A 188 -9.39 -15.62 -6.43
C ARG A 188 -8.54 -14.39 -6.72
N ARG A 189 -7.65 -14.46 -7.72
CA ARG A 189 -7.14 -13.23 -8.29
C ARG A 189 -8.35 -12.34 -8.62
N SER A 190 -8.30 -11.07 -8.27
CA SER A 190 -9.38 -10.16 -8.65
C SER A 190 -9.53 -10.08 -10.14
N SER A 191 -10.76 -9.91 -10.61
CA SER A 191 -11.05 -9.98 -12.04
C SER A 191 -10.27 -8.99 -12.88
N PHE A 192 -9.97 -7.82 -12.31
CA PHE A 192 -9.25 -6.74 -12.98
C PHE A 192 -7.76 -6.77 -12.70
N SER A 193 -7.27 -7.64 -11.83
CA SER A 193 -5.86 -7.52 -11.44
C SER A 193 -4.94 -7.85 -12.59
N ASN A 194 -3.92 -7.01 -12.80
CA ASN A 194 -2.77 -7.41 -13.60
C ASN A 194 -2.05 -8.56 -13.02
N TYR A 195 -1.26 -9.23 -13.89
CA TYR A 195 -0.48 -10.42 -13.46
C TYR A 195 0.90 -10.31 -14.11
N GLY A 196 1.70 -11.37 -14.01
CA GLY A 196 2.94 -11.38 -14.78
C GLY A 196 4.08 -11.66 -13.84
N SER A 197 5.24 -11.98 -14.40
CA SER A 197 6.43 -12.30 -13.63
C SER A 197 6.95 -11.16 -12.72
N VAL A 198 6.61 -9.94 -13.04
CA VAL A 198 7.09 -8.82 -12.25
C VAL A 198 6.34 -8.68 -10.94
N LEU A 199 5.13 -9.27 -10.83
CA LEU A 199 4.43 -9.19 -9.50
C LEU A 199 5.23 -9.84 -8.43
N ASP A 200 5.34 -9.19 -7.29
CA ASP A 200 5.94 -9.77 -6.11
C ASP A 200 4.97 -10.52 -5.16
N ILE A 201 3.71 -10.06 -5.08
CA ILE A 201 2.84 -10.36 -3.92
C ILE A 201 1.44 -9.95 -4.35
N PHE A 202 0.43 -10.63 -3.77
CA PHE A 202 -0.97 -10.20 -3.85
C PHE A 202 -1.43 -9.74 -2.49
N GLY A 203 -2.33 -8.77 -2.47
CA GLY A 203 -3.07 -8.39 -1.25
C GLY A 203 -4.52 -8.25 -1.55
N PRO A 204 -5.34 -8.16 -0.51
CA PRO A 204 -6.77 -7.99 -0.71
C PRO A 204 -7.10 -6.70 -1.47
N GLY A 205 -7.89 -6.81 -2.53
CA GLY A 205 -8.22 -5.62 -3.34
C GLY A 205 -9.61 -5.52 -3.85
N THR A 206 -10.45 -6.58 -3.71
CA THR A 206 -11.85 -6.50 -4.11
C THR A 206 -12.74 -6.21 -2.87
N ASP A 207 -13.55 -5.17 -2.98
N ASP A 207 -13.55 -5.15 -2.92
CA ASP A 207 -14.53 -4.77 -1.95
CA ASP A 207 -14.55 -4.89 -1.85
C ASP A 207 -13.88 -4.53 -0.60
C ASP A 207 -13.88 -4.53 -0.53
N ILE A 208 -13.00 -3.52 -0.59
CA ILE A 208 -12.22 -3.08 0.56
C ILE A 208 -12.85 -1.85 1.21
N LEU A 209 -13.31 -2.00 2.45
CA LEU A 209 -13.84 -0.90 3.19
C LEU A 209 -12.73 -0.05 3.86
N SER A 210 -12.81 1.28 3.72
CA SER A 210 -11.85 2.17 4.31
C SER A 210 -12.44 3.53 4.45
N THR A 211 -11.63 4.48 4.87
CA THR A 211 -12.01 5.86 5.03
C THR A 211 -12.28 6.52 3.71
N TRP A 212 -13.12 7.54 3.77
CA TRP A 212 -13.40 8.42 2.62
C TRP A 212 -13.53 9.88 3.05
N ILE A 213 -13.48 10.78 2.13
CA ILE A 213 -13.53 12.22 2.44
C ILE A 213 -14.96 12.57 2.98
N GLY A 214 -15.01 13.70 3.60
CA GLY A 214 -16.18 14.10 4.35
C GLY A 214 -16.38 13.31 5.61
N GLY A 215 -15.30 12.73 6.20
CA GLY A 215 -15.35 11.94 7.42
C GLY A 215 -16.19 10.70 7.30
N SER A 216 -16.16 10.11 6.09
CA SER A 216 -17.05 9.00 5.73
CA SER A 216 -17.05 9.01 5.73
C SER A 216 -16.26 7.71 5.52
N THR A 217 -16.93 6.67 5.06
CA THR A 217 -16.24 5.37 4.74
C THR A 217 -16.93 4.83 3.48
N ARG A 218 -16.25 4.00 2.76
CA ARG A 218 -16.85 3.21 1.67
C ARG A 218 -16.01 2.07 1.26
N SER A 219 -16.63 1.16 0.49
CA SER A 219 -15.98 -0.03 -0.10
CA SER A 219 -15.86 0.04 -0.09
C SER A 219 -15.69 0.25 -1.57
N ILE A 220 -14.44 0.05 -1.99
CA ILE A 220 -14.08 0.14 -3.39
C ILE A 220 -13.10 -0.97 -3.72
N SER A 221 -12.81 -1.13 -4.98
CA SER A 221 -11.99 -2.21 -5.43
C SER A 221 -10.88 -1.77 -6.40
N GLY A 222 -9.75 -2.45 -6.35
CA GLY A 222 -8.65 -2.17 -7.22
C GLY A 222 -7.31 -2.65 -6.69
N THR A 223 -6.31 -2.76 -7.57
CA THR A 223 -4.92 -2.96 -7.13
C THR A 223 -4.50 -1.76 -6.27
N SER A 224 -5.18 -0.63 -6.37
CA SER A 224 -4.92 0.49 -5.48
C SER A 224 -5.24 0.17 -4.00
N MET A 225 -6.17 -0.77 -3.75
CA MET A 225 -6.59 -1.15 -2.39
C MET A 225 -5.68 -2.27 -1.86
N ALA A 226 -5.12 -3.07 -2.77
CA ALA A 226 -4.21 -4.12 -2.39
C ALA A 226 -2.87 -3.52 -1.94
N THR A 227 -2.32 -2.56 -2.69
CA THR A 227 -1.06 -1.93 -2.43
C THR A 227 -0.92 -1.46 -0.97
N PRO A 228 -1.85 -0.71 -0.41
CA PRO A 228 -1.68 -0.19 0.96
C PRO A 228 -1.77 -1.33 2.00
N HIS A 229 -2.35 -2.45 1.71
CA HIS A 229 -2.29 -3.63 2.61
C HIS A 229 -0.83 -3.99 2.75
N VAL A 230 -0.12 -4.04 1.61
CA VAL A 230 1.32 -4.42 1.61
C VAL A 230 2.16 -3.41 2.23
N ALA A 231 1.93 -2.15 1.90
CA ALA A 231 2.67 -1.07 2.55
C ALA A 231 2.46 -1.00 4.11
N GLY A 232 1.24 -1.20 4.57
CA GLY A 232 1.01 -1.26 5.99
C GLY A 232 1.64 -2.47 6.63
N LEU A 233 1.58 -3.60 5.95
CA LEU A 233 2.24 -4.79 6.44
C LEU A 233 3.73 -4.60 6.54
N ALA A 234 4.37 -4.01 5.51
CA ALA A 234 5.79 -3.65 5.64
C ALA A 234 6.10 -2.80 6.88
N ALA A 235 5.37 -1.70 7.08
CA ALA A 235 5.59 -0.80 8.23
C ALA A 235 5.44 -1.63 9.53
N TYR A 236 4.41 -2.43 9.63
CA TYR A 236 4.17 -3.34 10.77
C TYR A 236 5.39 -4.25 11.05
N LEU A 237 5.94 -4.84 10.00
CA LEU A 237 7.03 -5.77 10.17
C LEU A 237 8.32 -5.02 10.47
N MET A 238 8.51 -3.84 9.91
CA MET A 238 9.68 -3.05 10.19
CA MET A 238 9.69 -3.01 10.21
C MET A 238 9.68 -2.57 11.67
N THR A 239 8.52 -2.13 12.19
CA THR A 239 8.43 -1.80 13.61
C THR A 239 8.78 -3.02 14.52
N LEU A 240 8.40 -4.19 14.11
CA LEU A 240 8.69 -5.46 14.87
C LEU A 240 10.18 -5.87 14.68
N GLY A 241 10.88 -5.16 13.83
CA GLY A 241 12.34 -5.46 13.53
C GLY A 241 12.61 -6.70 12.69
N LYS A 242 11.60 -7.26 12.06
CA LYS A 242 11.72 -8.47 11.34
C LYS A 242 12.37 -8.22 9.98
N THR A 243 12.31 -6.98 9.49
CA THR A 243 12.79 -6.71 8.14
C THR A 243 13.10 -5.20 8.03
N THR A 244 13.67 -4.78 6.89
CA THR A 244 14.13 -3.42 6.62
C THR A 244 13.47 -2.97 5.34
N ALA A 245 13.60 -1.69 5.02
CA ALA A 245 13.11 -1.11 3.72
C ALA A 245 13.63 -1.85 2.55
N ALA A 246 14.89 -2.19 2.60
CA ALA A 246 15.48 -2.91 1.43
C ALA A 246 15.00 -4.32 1.19
N SER A 247 14.67 -4.99 2.29
N SER A 247 14.61 -4.99 2.28
CA SER A 247 14.39 -6.44 2.32
CA SER A 247 14.30 -6.44 2.26
C SER A 247 12.90 -6.85 2.51
C SER A 247 12.86 -6.84 2.50
N ALA A 248 12.02 -5.87 2.77
CA ALA A 248 10.63 -6.16 3.18
C ALA A 248 9.81 -6.84 2.17
N CYS A 249 9.98 -6.48 0.89
CA CYS A 249 9.17 -7.09 -0.15
C CYS A 249 9.47 -8.60 -0.18
N ARG A 250 10.78 -8.91 -0.24
CA ARG A 250 11.28 -10.30 -0.28
CA ARG A 250 11.24 -10.29 -0.30
C ARG A 250 10.83 -11.04 0.99
N TYR A 251 10.97 -10.41 2.13
CA TYR A 251 10.45 -10.96 3.43
C TYR A 251 8.92 -11.35 3.34
N ILE A 252 8.10 -10.39 2.90
CA ILE A 252 6.69 -10.62 2.72
C ILE A 252 6.40 -11.75 1.76
N ALA A 253 7.16 -11.80 0.64
CA ALA A 253 7.02 -12.91 -0.28
C ALA A 253 7.34 -14.28 0.32
N ASP A 254 8.41 -14.28 1.06
CA ASP A 254 8.93 -15.52 1.65
C ASP A 254 8.03 -16.02 2.77
N THR A 255 7.34 -15.09 3.41
CA THR A 255 6.43 -15.47 4.52
C THR A 255 4.93 -15.44 4.16
N ALA A 256 4.61 -15.25 2.88
CA ALA A 256 3.27 -15.24 2.31
C ALA A 256 2.59 -16.58 2.49
N ASN A 257 1.28 -16.55 2.44
CA ASN A 257 0.50 -17.77 2.08
C ASN A 257 0.77 -18.13 0.64
N LYS A 258 1.23 -19.36 0.42
CA LYS A 258 1.63 -19.85 -0.93
C LYS A 258 0.69 -20.86 -1.43
N GLY A 259 0.24 -20.64 -2.63
CA GLY A 259 -0.57 -21.54 -3.37
C GLY A 259 -2.05 -21.45 -3.02
N ASP A 260 -2.41 -20.44 -2.19
CA ASP A 260 -3.87 -20.20 -1.86
C ASP A 260 -4.81 -19.66 -2.93
N LEU A 261 -4.28 -18.94 -3.93
CA LEU A 261 -5.08 -18.24 -4.84
C LEU A 261 -5.42 -19.09 -6.06
N SER A 262 -6.60 -18.85 -6.60
CA SER A 262 -7.04 -19.35 -7.85
C SER A 262 -6.93 -18.31 -8.95
N ASN A 263 -7.07 -18.77 -10.20
N ASN A 263 -7.02 -18.71 -10.20
CA ASN A 263 -6.91 -18.03 -11.49
CA ASN A 263 -6.97 -17.77 -11.29
C ASN A 263 -5.61 -17.17 -11.56
C ASN A 263 -5.60 -17.04 -11.38
N ILE A 264 -4.54 -17.77 -11.02
CA ILE A 264 -3.19 -17.27 -11.19
C ILE A 264 -2.60 -17.90 -12.45
N PRO A 265 -2.27 -17.11 -13.45
CA PRO A 265 -1.61 -17.57 -14.65
C PRO A 265 -0.26 -18.16 -14.37
N PHE A 266 0.07 -19.23 -15.06
CA PHE A 266 1.42 -19.82 -14.93
C PHE A 266 2.49 -18.69 -15.19
N GLY A 267 3.45 -18.64 -14.28
CA GLY A 267 4.55 -17.67 -14.34
C GLY A 267 4.33 -16.46 -13.43
N THR A 268 3.12 -16.39 -12.91
CA THR A 268 2.81 -15.36 -11.87
C THR A 268 2.87 -15.99 -10.51
N VAL A 269 3.44 -15.29 -9.54
CA VAL A 269 3.54 -15.78 -8.13
C VAL A 269 2.14 -16.03 -7.51
N ASN A 270 2.03 -17.15 -6.81
CA ASN A 270 0.83 -17.46 -6.02
C ASN A 270 1.13 -17.22 -4.61
N LEU A 271 1.20 -15.92 -4.21
CA LEU A 271 1.64 -15.57 -2.94
C LEU A 271 0.74 -14.42 -2.39
N LEU A 272 0.19 -14.63 -1.20
CA LEU A 272 -0.80 -13.71 -0.61
C LEU A 272 -0.22 -13.19 0.66
N ALA A 273 -0.16 -11.86 0.82
CA ALA A 273 0.47 -11.23 1.97
C ALA A 273 -0.04 -11.75 3.29
N TYR A 274 0.84 -11.99 4.27
CA TYR A 274 0.41 -12.71 5.49
C TYR A 274 1.32 -12.26 6.61
N ASN A 275 0.75 -11.87 7.75
CA ASN A 275 1.54 -11.32 8.87
C ASN A 275 2.22 -12.36 9.83
N ASN A 276 1.86 -13.63 9.67
N ASN A 276 1.85 -13.63 9.71
CA ASN A 276 2.37 -14.72 10.50
CA ASN A 276 2.42 -14.70 10.55
C ASN A 276 2.36 -14.37 11.99
C ASN A 276 2.29 -14.48 12.03
N TYR A 277 1.30 -13.69 12.46
CA TYR A 277 1.19 -13.32 13.81
C TYR A 277 0.66 -14.55 14.63
N GLN A 278 1.40 -14.88 15.66
CA GLN A 278 0.95 -15.87 16.68
C GLN A 278 0.83 -15.19 18.04
N ALA A 279 -0.33 -15.18 18.66
CA ALA A 279 -0.54 -14.53 19.98
C ALA A 279 0.41 -15.14 21.04
#